data_8KC6
#
_entry.id   8KC6
#
_cell.length_a   55.496
_cell.length_b   79.538
_cell.length_c   114.365
_cell.angle_alpha   90.00
_cell.angle_beta   90.00
_cell.angle_gamma   90.00
#
_symmetry.space_group_name_H-M   'I 2 2 2'
#
loop_
_entity.id
_entity.type
_entity.pdbx_description
1 polymer '3-alpha-(Or 20-beta)-hydroxysteroid dehydrogenase'
2 water water
#
_entity_poly.entity_id   1
_entity_poly.type   'polypeptide(L)'
_entity_poly.pdbx_seq_one_letter_code
;ARLAGKVAIVTGGVNGIGLAIANKFVEEGANVVITGSHALVGQKAAASIGGVNVIRFVEHNASDEAGWVALFNVTSAAFG
PVVTVVDNAGIAVSKSTEDVTTAEWKSLLVVNLLGVFFGTRNGIERMKNKGLGASIINMSTIEGFTGNPVLGAYLASKGA
VRIQSKSAALDSADKNYNVRVDTVHPGYIKTPLVDKAAGAEESMSQRTSVPMGHIGTPLDIAWISVYDATDESKFAVGAK
FVVDGGYVAE
;
_entity_poly.pdbx_strand_id   A
#
# COMPACT_ATOMS: atom_id res chain seq x y z
N ALA A 1 17.89 -10.23 -6.19
CA ALA A 1 17.88 -9.42 -7.38
C ALA A 1 16.51 -9.47 -8.09
N ARG A 2 15.39 -9.85 -7.43
CA ARG A 2 14.09 -9.96 -8.11
C ARG A 2 13.55 -8.59 -8.52
N LEU A 3 14.06 -7.53 -7.86
CA LEU A 3 13.66 -6.13 -8.19
C LEU A 3 14.87 -5.30 -8.65
N ALA A 4 15.84 -5.96 -9.27
CA ALA A 4 17.01 -5.30 -9.85
C ALA A 4 16.58 -4.10 -10.70
N GLY A 5 17.13 -2.92 -10.36
CA GLY A 5 16.88 -1.69 -11.14
C GLY A 5 15.55 -1.01 -10.82
N LYS A 6 14.68 -1.57 -9.98
CA LYS A 6 13.41 -0.90 -9.67
C LYS A 6 13.65 0.23 -8.69
N VAL A 7 12.76 1.23 -8.76
CA VAL A 7 12.78 2.43 -7.91
C VAL A 7 11.36 2.60 -7.41
N ALA A 8 11.17 2.44 -6.12
CA ALA A 8 9.80 2.38 -5.54
C ALA A 8 9.53 3.53 -4.59
N ILE A 9 8.31 4.01 -4.60
CA ILE A 9 7.72 4.88 -3.56
C ILE A 9 6.78 4.00 -2.75
N VAL A 10 6.94 3.92 -1.44
CA VAL A 10 6.01 3.19 -0.56
C VAL A 10 5.44 4.17 0.40
N THR A 11 4.17 4.51 0.23
CA THR A 11 3.53 5.47 1.14
C THR A 11 3.16 4.76 2.40
N GLY A 12 3.22 5.49 3.51
CA GLY A 12 3.02 4.86 4.81
C GLY A 12 4.04 3.76 5.02
N GLY A 13 5.27 3.99 4.58
CA GLY A 13 6.34 3.00 4.57
C GLY A 13 7.15 2.98 5.84
N VAL A 14 6.80 3.77 6.82
CA VAL A 14 7.63 3.90 8.04
C VAL A 14 7.18 2.96 9.15
N ASN A 15 6.06 2.28 9.01
CA ASN A 15 5.44 1.40 10.04
C ASN A 15 4.93 0.12 9.36
N GLY A 16 4.88 -0.96 10.14
CA GLY A 16 4.02 -2.11 9.84
C GLY A 16 4.20 -2.67 8.45
N ILE A 17 3.11 -2.87 7.75
CA ILE A 17 3.13 -3.47 6.40
C ILE A 17 4.03 -2.67 5.49
N GLY A 18 3.89 -1.36 5.47
CA GLY A 18 4.69 -0.54 4.54
C GLY A 18 6.17 -0.68 4.80
N LEU A 19 6.55 -0.73 6.06
CA LEU A 19 7.96 -0.88 6.42
C LEU A 19 8.49 -2.22 5.91
N ALA A 20 7.73 -3.29 6.09
CA ALA A 20 8.18 -4.62 5.65
C ALA A 20 8.27 -4.67 4.12
N ILE A 21 7.35 -4.05 3.43
CA ILE A 21 7.44 -3.93 1.95
C ILE A 21 8.78 -3.27 1.61
N ALA A 22 9.01 -2.10 2.19
CA ALA A 22 10.28 -1.41 1.96
C ALA A 22 11.50 -2.29 2.23
N ASN A 23 11.47 -2.99 3.36
CA ASN A 23 12.59 -3.86 3.75
C ASN A 23 12.85 -4.94 2.68
N LYS A 24 11.85 -5.68 2.26
CA LYS A 24 12.04 -6.73 1.27
C LYS A 24 12.28 -6.16 -0.10
N PHE A 25 11.76 -4.99 -0.43
CA PHE A 25 12.10 -4.37 -1.72
C PHE A 25 13.61 -4.10 -1.75
N VAL A 26 14.13 -3.52 -0.69
CA VAL A 26 15.60 -3.27 -0.65
C VAL A 26 16.34 -4.59 -0.72
N GLU A 27 15.89 -5.60 -0.01
CA GLU A 27 16.59 -6.90 -0.02
C GLU A 27 16.65 -7.40 -1.43
N GLU A 28 15.65 -7.18 -2.29
CA GLU A 28 15.58 -7.73 -3.65
C GLU A 28 16.17 -6.75 -4.66
N GLY A 29 16.85 -5.69 -4.22
CA GLY A 29 17.62 -4.84 -5.13
C GLY A 29 16.96 -3.52 -5.49
N ALA A 30 15.76 -3.23 -5.02
CA ALA A 30 15.11 -1.96 -5.33
C ALA A 30 15.77 -0.82 -4.55
N ASN A 31 15.63 0.39 -5.08
CA ASN A 31 15.86 1.61 -4.31
C ASN A 31 14.50 2.14 -3.90
N VAL A 32 14.35 2.61 -2.67
CA VAL A 32 13.01 2.88 -2.11
C VAL A 32 12.98 4.22 -1.44
N VAL A 33 11.92 4.97 -1.66
CA VAL A 33 11.54 6.12 -0.80
C VAL A 33 10.34 5.69 0.01
N ILE A 34 10.43 5.79 1.33
CA ILE A 34 9.27 5.58 2.24
C ILE A 34 8.76 6.92 2.69
N THR A 35 7.44 7.05 2.74
CA THR A 35 6.81 8.27 3.28
C THR A 35 6.08 7.98 4.56
N GLY A 36 5.92 9.03 5.35
CA GLY A 36 5.11 8.99 6.57
C GLY A 36 4.96 10.41 7.06
N SER A 37 4.08 10.59 8.03
CA SER A 37 3.82 11.95 8.58
C SER A 37 4.85 12.45 9.60
N HIS A 38 5.68 11.48 10.17
CA HIS A 38 6.39 11.83 11.41
C HIS A 38 7.87 11.59 11.18
N ALA A 39 8.63 12.66 11.28
CA ALA A 39 10.05 12.62 10.91
C ALA A 39 10.83 11.65 11.75
N LEU A 40 10.64 11.63 13.06
CA LEU A 40 11.51 10.75 13.88
C LEU A 40 11.23 9.29 13.54
N VAL A 41 9.97 8.94 13.38
CA VAL A 41 9.56 7.54 13.01
C VAL A 41 10.20 7.22 11.66
N GLY A 42 10.11 8.11 10.68
CA GLY A 42 10.58 7.84 9.30
C GLY A 42 12.09 7.73 9.22
N GLN A 43 12.79 8.62 9.88
CA GLN A 43 14.26 8.56 9.82
C GLN A 43 14.75 7.28 10.45
N LYS A 44 14.20 6.91 11.60
CA LYS A 44 14.57 5.66 12.25
C LYS A 44 14.26 4.48 11.31
N ALA A 45 13.08 4.46 10.74
CA ALA A 45 12.65 3.37 9.86
C ALA A 45 13.63 3.21 8.71
N ALA A 46 13.96 4.28 8.04
CA ALA A 46 14.82 4.18 6.84
C ALA A 46 16.18 3.60 7.25
N ALA A 47 16.77 4.13 8.31
CA ALA A 47 18.13 3.70 8.68
C ALA A 47 18.09 2.26 9.20
N SER A 48 16.98 1.78 9.73
CA SER A 48 16.89 0.36 10.17
C SER A 48 17.06 -0.56 8.98
N ILE A 49 16.76 -0.11 7.77
CA ILE A 49 16.82 -0.97 6.57
C ILE A 49 18.15 -0.77 5.86
N GLY A 50 18.62 0.45 5.70
CA GLY A 50 19.88 0.62 4.93
C GLY A 50 20.23 2.07 4.84
N GLY A 51 21.29 2.34 4.09
CA GLY A 51 21.75 3.69 3.91
C GLY A 51 21.02 4.38 2.77
N VAL A 52 21.32 5.61 2.51
CA VAL A 52 20.61 6.47 1.55
C VAL A 52 20.92 6.15 0.10
N ASN A 53 21.87 5.28 -0.17
CA ASN A 53 21.98 4.75 -1.54
C ASN A 53 20.84 3.80 -1.88
N VAL A 54 20.15 3.24 -0.91
CA VAL A 54 19.05 2.28 -1.20
C VAL A 54 17.72 2.73 -0.61
N ILE A 55 17.67 3.52 0.46
CA ILE A 55 16.36 3.86 1.06
C ILE A 55 16.49 5.25 1.64
N ARG A 56 15.46 6.05 1.43
CA ARG A 56 15.36 7.37 2.03
C ARG A 56 13.94 7.59 2.51
N PHE A 57 13.80 8.39 3.57
CA PHE A 57 12.49 8.87 4.06
C PHE A 57 12.15 10.21 3.50
N VAL A 58 10.91 10.41 3.12
CA VAL A 58 10.33 11.73 2.79
C VAL A 58 9.09 11.89 3.61
N GLU A 59 9.02 12.98 4.36
CA GLU A 59 7.82 13.33 5.10
C GLU A 59 6.76 13.84 4.15
N HIS A 60 5.65 13.20 4.17
CA HIS A 60 4.50 13.43 3.23
C HIS A 60 3.22 12.81 3.75
N ASN A 61 2.13 13.54 3.73
CA ASN A 61 0.76 13.06 3.98
C ASN A 61 0.16 12.72 2.63
N ALA A 62 -0.29 11.48 2.46
CA ALA A 62 -0.79 11.03 1.15
C ALA A 62 -2.01 11.85 0.70
N SER A 63 -2.71 12.52 1.60
CA SER A 63 -3.82 13.41 1.25
C SER A 63 -3.32 14.77 0.70
N ASP A 64 -2.03 15.03 0.77
CA ASP A 64 -1.40 16.31 0.36
C ASP A 64 -1.11 16.24 -1.14
N GLU A 65 -2.06 16.74 -1.92
CA GLU A 65 -1.99 16.61 -3.37
C GLU A 65 -0.75 17.30 -3.94
N ALA A 66 -0.47 18.53 -3.52
CA ALA A 66 0.70 19.27 -4.07
C ALA A 66 2.03 18.57 -3.73
N GLY A 67 2.07 17.88 -2.61
CA GLY A 67 3.32 17.20 -2.25
C GLY A 67 3.61 16.00 -3.12
N TRP A 68 2.62 15.45 -3.81
CA TRP A 68 2.85 14.21 -4.58
C TRP A 68 3.79 14.41 -5.76
N VAL A 69 3.69 15.50 -6.52
CA VAL A 69 4.64 15.66 -7.64
C VAL A 69 6.03 15.93 -7.05
N ALA A 70 6.13 16.62 -5.96
CA ALA A 70 7.45 16.88 -5.36
C ALA A 70 8.05 15.57 -4.82
N LEU A 71 7.21 14.65 -4.33
CA LEU A 71 7.68 13.34 -3.84
C LEU A 71 8.28 12.56 -5.00
N PHE A 72 7.64 12.54 -6.17
CA PHE A 72 8.22 11.90 -7.35
C PHE A 72 9.52 12.58 -7.72
N ASN A 73 9.57 13.92 -7.68
CA ASN A 73 10.80 14.62 -8.07
C ASN A 73 11.93 14.27 -7.12
N VAL A 74 11.65 14.22 -5.83
CA VAL A 74 12.70 13.92 -4.83
C VAL A 74 13.21 12.51 -5.07
N THR A 75 12.31 11.58 -5.32
CA THR A 75 12.67 10.16 -5.56
C THR A 75 13.54 10.03 -6.81
N SER A 76 13.13 10.68 -7.88
CA SER A 76 13.86 10.61 -9.18
C SER A 76 15.22 11.28 -9.01
N ALA A 77 15.32 12.37 -8.27
CA ALA A 77 16.63 13.04 -8.08
C ALA A 77 17.55 12.05 -7.40
N ALA A 78 17.08 11.32 -6.41
CA ALA A 78 17.90 10.37 -5.64
C ALA A 78 18.28 9.18 -6.49
N PHE A 79 17.34 8.55 -7.18
CA PHE A 79 17.47 7.16 -7.64
C PHE A 79 17.18 6.98 -9.13
N GLY A 80 16.79 8.02 -9.83
CA GLY A 80 16.36 7.89 -11.21
C GLY A 80 14.86 7.56 -11.31
N PRO A 81 14.36 7.35 -12.54
CA PRO A 81 12.92 7.27 -12.81
C PRO A 81 12.23 6.23 -11.91
N VAL A 82 11.10 6.67 -11.36
CA VAL A 82 10.27 5.77 -10.50
C VAL A 82 9.63 4.68 -11.36
N VAL A 83 9.66 3.44 -10.88
CA VAL A 83 9.10 2.27 -11.59
C VAL A 83 7.91 1.70 -10.80
N THR A 84 7.79 2.00 -9.53
CA THR A 84 6.93 1.19 -8.66
C THR A 84 6.33 2.11 -7.64
N VAL A 85 5.01 2.09 -7.51
CA VAL A 85 4.32 2.91 -6.50
C VAL A 85 3.50 1.95 -5.66
N VAL A 86 3.66 1.97 -4.37
CA VAL A 86 2.85 1.22 -3.40
C VAL A 86 2.06 2.23 -2.61
N ASP A 87 0.77 2.30 -2.89
CA ASP A 87 -0.16 3.23 -2.19
C ASP A 87 -0.66 2.52 -0.95
N ASN A 88 0.04 2.62 0.15
CA ASN A 88 -0.20 1.88 1.39
C ASN A 88 -0.63 2.82 2.50
N ALA A 89 -0.42 4.12 2.44
CA ALA A 89 -0.85 5.00 3.55
C ALA A 89 -2.35 4.85 3.76
N GLY A 90 -2.74 4.79 5.02
CA GLY A 90 -4.17 4.71 5.34
C GLY A 90 -4.44 4.94 6.80
N ILE A 91 -5.67 5.30 7.10
CA ILE A 91 -6.12 5.44 8.51
C ILE A 91 -7.41 4.66 8.66
N ALA A 92 -7.80 4.47 9.90
CA ALA A 92 -9.01 3.70 10.23
C ALA A 92 -9.77 4.51 11.27
N VAL A 93 -11.07 4.35 11.19
CA VAL A 93 -12.07 4.92 12.13
C VAL A 93 -12.91 3.72 12.57
N SER A 94 -13.08 3.48 13.86
CA SER A 94 -13.94 2.40 14.38
C SER A 94 -15.34 2.95 14.62
N LYS A 95 -16.13 3.09 13.56
CA LYS A 95 -17.52 3.55 13.63
C LYS A 95 -18.33 2.77 12.63
N SER A 96 -19.53 2.44 12.98
CA SER A 96 -20.54 2.00 12.00
C SER A 96 -20.83 3.15 11.05
N THR A 97 -21.42 2.85 9.90
CA THR A 97 -21.96 3.87 9.00
C THR A 97 -22.90 4.82 9.76
N GLU A 98 -23.80 4.26 10.53
CA GLU A 98 -24.78 5.02 11.32
C GLU A 98 -24.07 6.05 12.20
N ASP A 99 -22.95 5.71 12.79
CA ASP A 99 -22.28 6.52 13.83
C ASP A 99 -21.14 7.34 13.26
N VAL A 100 -20.92 7.31 11.96
CA VAL A 100 -19.77 8.05 11.38
C VAL A 100 -20.13 9.51 11.27
N THR A 101 -19.33 10.39 11.85
CA THR A 101 -19.48 11.82 11.63
C THR A 101 -19.03 12.18 10.22
N THR A 102 -19.53 13.24 9.66
CA THR A 102 -19.08 13.67 8.33
C THR A 102 -17.61 14.05 8.38
N ALA A 103 -17.13 14.60 9.48
CA ALA A 103 -15.70 14.91 9.60
C ALA A 103 -14.87 13.63 9.51
N GLU A 104 -15.26 12.59 10.21
CA GLU A 104 -14.53 11.32 10.20
C GLU A 104 -14.55 10.74 8.77
N TRP A 105 -15.70 10.74 8.15
CA TRP A 105 -15.90 10.24 6.76
C TRP A 105 -14.91 10.95 5.83
N LYS A 106 -14.90 12.25 5.85
CA LYS A 106 -14.05 13.04 4.94
C LYS A 106 -12.59 12.86 5.27
N SER A 107 -12.23 12.79 6.54
CA SER A 107 -10.81 12.65 6.91
C SER A 107 -10.33 11.29 6.40
N LEU A 108 -11.04 10.22 6.67
CA LEU A 108 -10.55 8.88 6.25
C LEU A 108 -10.50 8.84 4.72
N LEU A 109 -11.51 9.29 4.03
CA LEU A 109 -11.49 9.16 2.56
C LEU A 109 -10.41 10.04 1.94
N VAL A 110 -10.06 11.12 2.58
CA VAL A 110 -8.98 11.99 2.02
C VAL A 110 -7.65 11.24 1.97
N VAL A 111 -7.37 10.38 2.90
CA VAL A 111 -6.12 9.60 2.91
C VAL A 111 -6.31 8.33 2.11
N ASN A 112 -7.32 7.54 2.46
CA ASN A 112 -7.45 6.17 1.94
C ASN A 112 -7.90 6.16 0.50
N LEU A 113 -8.69 7.10 0.09
CA LEU A 113 -9.20 7.11 -1.30
C LEU A 113 -8.51 8.20 -2.09
N LEU A 114 -8.57 9.44 -1.67
CA LEU A 114 -7.93 10.51 -2.49
C LEU A 114 -6.44 10.26 -2.57
N GLY A 115 -5.81 9.83 -1.52
CA GLY A 115 -4.36 9.62 -1.57
C GLY A 115 -4.04 8.54 -2.57
N VAL A 116 -4.78 7.44 -2.62
CA VAL A 116 -4.53 6.38 -3.61
C VAL A 116 -4.77 6.92 -5.03
N PHE A 117 -5.85 7.67 -5.19
CA PHE A 117 -6.10 8.32 -6.50
C PHE A 117 -4.87 9.18 -6.89
N PHE A 118 -4.43 10.05 -6.01
CA PHE A 118 -3.30 10.94 -6.35
C PHE A 118 -2.07 10.15 -6.75
N GLY A 119 -1.78 9.06 -6.05
CA GLY A 119 -0.57 8.30 -6.33
C GLY A 119 -0.75 7.50 -7.61
N THR A 120 -1.93 6.97 -7.85
CA THR A 120 -2.19 6.17 -9.06
C THR A 120 -2.17 7.07 -10.29
N ARG A 121 -2.92 8.18 -10.24
CA ARG A 121 -2.93 9.13 -11.39
C ARG A 121 -1.52 9.58 -11.73
N ASN A 122 -0.78 10.04 -10.74
CA ASN A 122 0.59 10.54 -10.96
C ASN A 122 1.51 9.43 -11.40
N GLY A 123 1.39 8.26 -10.80
CA GLY A 123 2.20 7.13 -11.19
C GLY A 123 2.00 6.80 -12.66
N ILE A 124 0.77 6.74 -13.13
CA ILE A 124 0.57 6.46 -14.56
C ILE A 124 1.23 7.56 -15.37
N GLU A 125 0.98 8.81 -15.05
CA GLU A 125 1.55 9.89 -15.88
C GLU A 125 3.08 9.79 -15.91
N ARG A 126 3.71 9.57 -14.80
CA ARG A 126 5.18 9.70 -14.66
C ARG A 126 5.86 8.42 -15.08
N MET A 127 5.19 7.27 -15.18
CA MET A 127 5.88 6.00 -15.47
C MET A 127 5.49 5.45 -16.84
N LYS A 128 4.43 5.92 -17.46
CA LYS A 128 4.01 5.31 -18.74
C LYS A 128 5.05 5.50 -19.84
N ASN A 129 5.10 4.53 -20.73
CA ASN A 129 5.78 4.68 -22.05
C ASN A 129 7.29 4.79 -21.86
N LYS A 130 7.88 4.24 -20.83
CA LYS A 130 9.32 4.37 -20.58
C LYS A 130 9.98 3.00 -20.53
N GLY A 131 9.26 1.91 -20.80
CA GLY A 131 9.94 0.60 -20.80
C GLY A 131 10.43 0.17 -19.44
N LEU A 132 9.81 0.64 -18.36
CA LEU A 132 10.28 0.44 -16.98
C LEU A 132 9.73 -0.83 -16.36
N GLY A 133 8.76 -1.49 -16.99
CA GLY A 133 8.03 -2.56 -16.28
C GLY A 133 7.39 -2.00 -15.04
N ALA A 134 6.65 -0.93 -15.19
CA ALA A 134 6.17 -0.17 -14.02
C ALA A 134 4.95 -0.90 -13.40
N SER A 135 4.82 -0.73 -12.10
CA SER A 135 3.79 -1.44 -11.33
C SER A 135 3.25 -0.56 -10.21
N ILE A 136 1.95 -0.40 -10.16
CA ILE A 136 1.25 0.33 -9.10
C ILE A 136 0.53 -0.71 -8.28
N ILE A 137 0.81 -0.74 -6.98
CA ILE A 137 0.25 -1.71 -6.03
C ILE A 137 -0.58 -0.92 -5.05
N ASN A 138 -1.89 -1.08 -5.11
CA ASN A 138 -2.82 -0.32 -4.25
C ASN A 138 -3.25 -1.21 -3.11
N MET A 139 -3.10 -0.75 -1.90
CA MET A 139 -3.40 -1.52 -0.70
C MET A 139 -4.88 -1.37 -0.45
N SER A 140 -5.63 -2.41 -0.68
CA SER A 140 -7.00 -2.50 -0.24
C SER A 140 -6.86 -3.34 1.05
N THR A 141 -7.72 -4.26 1.22
CA THR A 141 -7.91 -4.97 2.48
C THR A 141 -8.92 -6.07 2.25
N ILE A 142 -9.02 -6.99 3.20
CA ILE A 142 -10.21 -7.84 3.26
C ILE A 142 -11.48 -6.98 3.31
N GLU A 143 -11.38 -5.77 3.87
CA GLU A 143 -12.52 -4.82 3.94
C GLU A 143 -12.82 -4.20 2.59
N GLY A 144 -12.16 -4.56 1.53
CA GLY A 144 -12.54 -4.23 0.15
C GLY A 144 -13.44 -5.32 -0.42
N PHE A 145 -13.57 -6.47 0.25
CA PHE A 145 -14.39 -7.61 -0.21
C PHE A 145 -15.62 -7.80 0.65
N THR A 146 -15.50 -7.68 1.96
CA THR A 146 -16.59 -7.97 2.91
C THR A 146 -16.77 -6.77 3.79
N GLY A 147 -17.99 -6.61 4.26
CA GLY A 147 -18.28 -5.58 5.24
C GLY A 147 -17.76 -5.92 6.60
N ASN A 148 -17.65 -4.88 7.41
CA ASN A 148 -17.44 -4.99 8.87
C ASN A 148 -18.35 -3.93 9.46
N PRO A 149 -19.24 -4.29 10.38
CA PRO A 149 -20.23 -3.33 10.88
C PRO A 149 -19.61 -2.13 11.57
N VAL A 150 -18.38 -2.23 12.03
CA VAL A 150 -17.74 -1.14 12.80
C VAL A 150 -16.70 -0.44 11.96
N LEU A 151 -16.69 -0.62 10.65
CA LEU A 151 -15.64 0.00 9.76
C LEU A 151 -16.28 0.61 8.53
N GLY A 152 -17.39 1.33 8.68
CA GLY A 152 -18.16 1.78 7.51
C GLY A 152 -17.35 2.63 6.55
N ALA A 153 -16.75 3.71 6.97
CA ALA A 153 -15.96 4.56 6.06
C ALA A 153 -14.75 3.80 5.51
N TYR A 154 -14.13 2.98 6.30
CA TYR A 154 -12.95 2.20 5.88
C TYR A 154 -13.39 1.23 4.75
N LEU A 155 -14.52 0.55 4.90
CA LEU A 155 -15.07 -0.30 3.83
C LEU A 155 -15.30 0.51 2.58
N ALA A 156 -15.95 1.68 2.67
CA ALA A 156 -16.16 2.49 1.49
C ALA A 156 -14.81 2.71 0.81
N SER A 157 -13.80 3.13 1.56
CA SER A 157 -12.52 3.48 0.95
C SER A 157 -11.88 2.28 0.26
N LYS A 158 -11.98 1.11 0.84
CA LYS A 158 -11.30 -0.07 0.31
C LYS A 158 -12.04 -0.64 -0.87
N GLY A 159 -13.37 -0.57 -0.90
CA GLY A 159 -14.15 -0.93 -2.06
C GLY A 159 -13.83 -0.01 -3.20
N ALA A 160 -13.71 1.26 -2.95
CA ALA A 160 -13.38 2.25 -4.00
C ALA A 160 -12.00 1.93 -4.57
N VAL A 161 -11.00 1.69 -3.76
CA VAL A 161 -9.62 1.41 -4.24
C VAL A 161 -9.68 0.15 -5.08
N ARG A 162 -10.42 -0.86 -4.67
CA ARG A 162 -10.50 -2.12 -5.38
C ARG A 162 -10.89 -1.87 -6.83
N ILE A 163 -11.99 -1.15 -7.05
CA ILE A 163 -12.53 -1.03 -8.42
C ILE A 163 -11.89 0.09 -9.20
N GLN A 164 -11.56 1.18 -8.56
CA GLN A 164 -10.76 2.21 -9.26
C GLN A 164 -9.48 1.62 -9.85
N SER A 165 -8.85 0.74 -9.12
CA SER A 165 -7.59 0.13 -9.59
C SER A 165 -7.82 -0.67 -10.87
N LYS A 166 -8.96 -1.33 -11.00
CA LYS A 166 -9.26 -2.06 -12.24
C LYS A 166 -9.39 -1.07 -13.39
N SER A 167 -10.06 0.06 -13.20
CA SER A 167 -10.15 1.07 -14.28
C SER A 167 -8.76 1.47 -14.76
N ALA A 168 -7.90 1.81 -13.82
CA ALA A 168 -6.53 2.21 -14.12
C ALA A 168 -5.75 1.10 -14.81
N ALA A 169 -5.89 -0.13 -14.33
CA ALA A 169 -5.24 -1.29 -14.96
C ALA A 169 -5.63 -1.37 -16.42
N LEU A 170 -6.93 -1.29 -16.67
CA LEU A 170 -7.47 -1.46 -18.04
C LEU A 170 -6.95 -0.37 -18.92
N ASP A 171 -7.00 0.87 -18.50
CA ASP A 171 -6.57 1.99 -19.36
C ASP A 171 -5.09 1.83 -19.72
N SER A 172 -4.29 1.46 -18.77
CA SER A 172 -2.84 1.28 -18.94
C SER A 172 -2.62 0.13 -19.90
N ALA A 173 -3.37 -0.98 -19.78
CA ALA A 173 -3.21 -2.17 -20.65
C ALA A 173 -3.60 -1.79 -22.07
N ASP A 174 -4.75 -1.18 -22.25
CA ASP A 174 -5.33 -0.88 -23.57
C ASP A 174 -4.43 0.07 -24.30
N LYS A 175 -3.78 0.98 -23.60
CA LYS A 175 -2.90 2.00 -24.23
C LYS A 175 -1.46 1.54 -24.30
N ASN A 176 -1.12 0.33 -23.87
CA ASN A 176 0.26 -0.19 -23.96
C ASN A 176 1.20 0.76 -23.23
N TYR A 177 0.82 1.23 -22.06
CA TYR A 177 1.63 2.14 -21.24
C TYR A 177 2.80 1.45 -20.57
N ASN A 178 2.84 0.11 -20.51
CA ASN A 178 3.87 -0.60 -19.71
C ASN A 178 3.78 -0.22 -18.22
N VAL A 179 2.53 -0.13 -17.73
CA VAL A 179 2.18 0.07 -16.32
C VAL A 179 1.14 -0.96 -15.99
N ARG A 180 1.33 -1.70 -14.92
CA ARG A 180 0.33 -2.62 -14.34
C ARG A 180 -0.20 -2.03 -13.06
N VAL A 181 -1.46 -2.34 -12.75
CA VAL A 181 -2.09 -1.87 -11.50
C VAL A 181 -2.80 -3.05 -10.90
N ASP A 182 -2.52 -3.34 -9.65
CA ASP A 182 -3.18 -4.46 -8.94
C ASP A 182 -3.48 -4.05 -7.52
N THR A 183 -4.34 -4.79 -6.85
CA THR A 183 -4.64 -4.55 -5.43
C THR A 183 -4.18 -5.72 -4.58
N VAL A 184 -3.73 -5.36 -3.39
CA VAL A 184 -3.37 -6.35 -2.34
C VAL A 184 -4.37 -6.18 -1.20
N HIS A 185 -4.83 -7.30 -0.67
CA HIS A 185 -5.90 -7.34 0.33
C HIS A 185 -5.44 -8.10 1.56
N PRO A 186 -4.69 -7.43 2.46
CA PRO A 186 -4.29 -8.10 3.69
C PRO A 186 -5.51 -8.40 4.56
N GLY A 187 -5.49 -9.55 5.22
CA GLY A 187 -6.23 -9.78 6.45
C GLY A 187 -5.62 -9.13 7.62
N TYR A 188 -5.84 -9.66 8.78
CA TYR A 188 -5.30 -9.06 10.02
C TYR A 188 -3.81 -9.38 10.12
N ILE A 189 -3.03 -8.36 10.42
CA ILE A 189 -1.57 -8.42 10.50
C ILE A 189 -1.11 -7.88 11.85
N LYS A 190 -0.25 -8.64 12.53
CA LYS A 190 0.27 -8.17 13.81
C LYS A 190 1.27 -7.02 13.57
N THR A 191 1.04 -5.91 14.25
CA THR A 191 1.93 -4.74 14.27
C THR A 191 1.93 -4.18 15.66
N PRO A 192 2.91 -3.28 15.96
CA PRO A 192 2.84 -2.53 17.22
C PRO A 192 1.50 -1.83 17.42
N LEU A 193 0.82 -1.29 16.43
CA LEU A 193 -0.52 -0.68 16.63
C LEU A 193 -1.51 -1.73 17.12
N VAL A 194 -1.53 -2.90 16.50
CA VAL A 194 -2.46 -3.97 16.97
C VAL A 194 -2.08 -4.32 18.40
N ASP A 195 -0.79 -4.45 18.71
CA ASP A 195 -0.33 -4.80 20.08
C ASP A 195 -0.78 -3.76 21.12
N LYS A 196 -1.00 -2.51 20.72
CA LYS A 196 -1.41 -1.41 21.63
C LYS A 196 -2.90 -1.49 21.93
N ALA A 197 -3.67 -2.23 21.15
CA ALA A 197 -5.13 -2.33 21.38
C ALA A 197 -5.35 -3.64 22.13
N ALA A 198 -5.62 -3.55 23.44
CA ALA A 198 -5.82 -4.72 24.29
C ALA A 198 -6.95 -5.60 23.71
N GLY A 199 -6.64 -6.87 23.51
CA GLY A 199 -7.65 -7.86 23.09
C GLY A 199 -7.81 -7.95 21.56
N ALA A 200 -7.19 -7.06 20.78
CA ALA A 200 -7.43 -7.01 19.32
C ALA A 200 -6.90 -8.29 18.64
N GLU A 201 -5.67 -8.66 18.94
CA GLU A 201 -5.09 -9.84 18.28
C GLU A 201 -5.92 -11.09 18.58
N GLU A 202 -6.36 -11.26 19.83
CA GLU A 202 -7.15 -12.44 20.19
C GLU A 202 -8.50 -12.39 19.48
N SER A 203 -9.15 -11.27 19.37
CA SER A 203 -10.44 -11.16 18.65
C SER A 203 -10.23 -11.62 17.19
N MET A 204 -9.17 -11.12 16.59
CA MET A 204 -8.85 -11.32 15.16
C MET A 204 -8.44 -12.76 14.89
N SER A 205 -7.96 -13.44 15.92
CA SER A 205 -7.43 -14.81 15.83
C SER A 205 -8.52 -15.85 16.07
N GLN A 206 -9.73 -15.45 16.47
CA GLN A 206 -10.80 -16.44 16.64
C GLN A 206 -11.04 -17.12 15.27
N ARG A 207 -11.41 -18.38 15.27
CA ARG A 207 -11.56 -19.13 14.02
C ARG A 207 -12.69 -18.59 13.15
N THR A 208 -13.70 -17.97 13.76
CA THR A 208 -14.81 -17.36 13.04
C THR A 208 -14.34 -16.10 12.32
N SER A 209 -13.19 -15.57 12.66
CA SER A 209 -12.56 -14.42 11.98
C SER A 209 -11.47 -14.96 11.07
N VAL A 210 -10.33 -15.38 11.60
CA VAL A 210 -9.22 -15.92 10.79
C VAL A 210 -9.15 -17.40 10.99
N PRO A 211 -9.50 -18.23 9.98
CA PRO A 211 -9.52 -19.69 10.19
C PRO A 211 -8.16 -20.28 10.59
N MET A 212 -7.05 -19.69 10.22
CA MET A 212 -5.73 -20.18 10.68
C MET A 212 -5.58 -20.02 12.18
N GLY A 213 -6.41 -19.27 12.87
CA GLY A 213 -6.30 -19.21 14.34
C GLY A 213 -5.24 -18.29 14.87
N HIS A 214 -4.67 -17.48 14.01
CA HIS A 214 -3.63 -16.50 14.37
C HIS A 214 -3.66 -15.45 13.29
N ILE A 215 -3.04 -14.34 13.51
CA ILE A 215 -2.98 -13.28 12.49
C ILE A 215 -1.61 -13.31 11.85
N GLY A 216 -1.47 -12.54 10.78
CA GLY A 216 -0.26 -12.59 9.97
C GLY A 216 0.80 -11.66 10.53
N THR A 217 1.85 -11.51 9.74
CA THR A 217 2.97 -10.60 10.08
C THR A 217 3.28 -9.75 8.88
N PRO A 218 3.94 -8.60 9.06
CA PRO A 218 4.13 -7.70 7.95
C PRO A 218 4.81 -8.33 6.73
N LEU A 219 5.77 -9.19 6.93
CA LEU A 219 6.44 -9.83 5.77
C LEU A 219 5.46 -10.62 4.90
N ASP A 220 4.36 -11.08 5.46
CA ASP A 220 3.38 -11.80 4.65
C ASP A 220 2.88 -10.87 3.54
N ILE A 221 2.75 -9.62 3.80
CA ILE A 221 2.30 -8.67 2.75
C ILE A 221 3.48 -8.24 1.90
N ALA A 222 4.66 -8.10 2.48
CA ALA A 222 5.85 -7.72 1.73
C ALA A 222 6.08 -8.70 0.57
N TRP A 223 5.98 -10.00 0.77
CA TRP A 223 6.38 -10.93 -0.30
C TRP A 223 5.40 -10.90 -1.45
N ILE A 224 4.09 -10.71 -1.24
CA ILE A 224 3.19 -10.60 -2.42
C ILE A 224 3.49 -9.30 -3.14
N SER A 225 3.85 -8.25 -2.41
CA SER A 225 4.20 -6.99 -3.08
C SER A 225 5.51 -7.15 -3.88
N VAL A 226 6.49 -7.95 -3.45
CA VAL A 226 7.70 -8.17 -4.26
C VAL A 226 7.30 -8.83 -5.57
N TYR A 227 6.47 -9.87 -5.52
CA TYR A 227 5.99 -10.53 -6.73
C TYR A 227 5.38 -9.50 -7.67
N ASP A 228 4.49 -8.65 -7.15
CA ASP A 228 3.74 -7.72 -8.01
C ASP A 228 4.63 -6.61 -8.54
N ALA A 229 5.69 -6.20 -7.84
CA ALA A 229 6.61 -5.17 -8.33
C ALA A 229 7.55 -5.77 -9.36
N THR A 230 7.82 -7.04 -9.29
CA THR A 230 8.82 -7.67 -10.16
C THR A 230 8.26 -7.92 -11.56
N ASP A 231 9.14 -8.14 -12.50
CA ASP A 231 8.75 -8.54 -13.85
C ASP A 231 8.21 -9.96 -13.88
N GLU A 232 8.37 -10.72 -12.83
CA GLU A 232 7.71 -12.04 -12.72
C GLU A 232 6.22 -11.92 -12.97
N SER A 233 5.58 -10.82 -12.61
CA SER A 233 4.11 -10.64 -12.67
C SER A 233 3.72 -9.80 -13.87
N LYS A 234 4.49 -9.78 -14.94
CA LYS A 234 4.23 -8.98 -16.14
C LYS A 234 2.88 -9.25 -16.82
N PHE A 235 2.23 -10.36 -16.56
CA PHE A 235 0.88 -10.64 -17.13
C PHE A 235 -0.23 -10.41 -16.12
N ALA A 236 0.08 -9.97 -14.91
CA ALA A 236 -0.92 -9.72 -13.86
C ALA A 236 -1.25 -8.24 -13.86
N VAL A 237 -2.49 -7.93 -14.15
CA VAL A 237 -2.99 -6.54 -14.02
C VAL A 237 -4.49 -6.60 -13.78
N GLY A 238 -4.98 -5.64 -13.03
CA GLY A 238 -6.41 -5.54 -12.73
C GLY A 238 -6.89 -6.57 -11.73
N ALA A 239 -6.02 -7.24 -11.01
CA ALA A 239 -6.38 -8.37 -10.16
C ALA A 239 -6.18 -8.03 -8.70
N LYS A 240 -6.78 -8.87 -7.87
CA LYS A 240 -6.85 -8.76 -6.39
C LYS A 240 -6.10 -9.91 -5.76
N PHE A 241 -5.16 -9.62 -4.92
CA PHE A 241 -4.26 -10.61 -4.28
C PHE A 241 -4.53 -10.60 -2.79
N VAL A 242 -5.17 -11.65 -2.30
CA VAL A 242 -5.67 -11.76 -0.92
C VAL A 242 -4.74 -12.62 -0.08
N VAL A 243 -4.29 -12.07 1.04
CA VAL A 243 -3.37 -12.75 1.98
C VAL A 243 -3.96 -12.54 3.38
N ASP A 244 -4.79 -13.46 3.79
CA ASP A 244 -5.74 -13.18 4.91
C ASP A 244 -5.95 -14.36 5.85
N GLY A 245 -5.17 -15.43 5.77
CA GLY A 245 -5.37 -16.54 6.71
C GLY A 245 -6.70 -17.24 6.56
N GLY A 246 -7.34 -17.09 5.42
CA GLY A 246 -8.65 -17.70 5.14
C GLY A 246 -9.86 -16.84 5.48
N TYR A 247 -9.67 -15.61 5.92
CA TYR A 247 -10.81 -14.80 6.40
C TYR A 247 -11.94 -14.78 5.39
N VAL A 248 -11.65 -14.45 4.16
CA VAL A 248 -12.71 -14.24 3.14
C VAL A 248 -13.14 -15.58 2.53
N ALA A 249 -12.50 -16.68 2.76
CA ALA A 249 -12.83 -17.97 2.15
C ALA A 249 -14.05 -18.58 2.82
N GLU A 250 -14.44 -18.15 4.02
CA GLU A 250 -15.69 -18.64 4.71
C GLU A 250 -16.72 -17.54 4.79
#